data_3OMT
#
_entry.id   3OMT
#
_cell.length_a   39.855
_cell.length_b   44.882
_cell.length_c   86.408
_cell.angle_alpha   90.000
_cell.angle_beta   90.000
_cell.angle_gamma   90.000
#
_symmetry.space_group_name_H-M   'P 21 21 21'
#
loop_
_entity.id
_entity.type
_entity.pdbx_description
1 polymer 'uncharacterized protein'
2 non-polymer 'PHOSPHATE ION'
3 water water
#
_entity_poly.entity_id   1
_entity_poly.type   'polypeptide(L)'
_entity_poly.pdbx_seq_one_letter_code
;SNAMTERKIFNRLKSVLAEKGKTNLWLTETLDKNKTTVSKWCTNDVQPSLETLFDIAEALNVDVRELIVSTKR
;
_entity_poly.pdbx_strand_id   A,B
#
# COMPACT_ATOMS: atom_id res chain seq x y z
N THR A 5 -4.84 9.35 13.44
CA THR A 5 -5.92 9.27 12.40
C THR A 5 -7.19 8.49 12.79
N GLU A 6 -8.29 8.93 12.22
CA GLU A 6 -9.59 8.33 12.49
C GLU A 6 -9.92 7.43 11.31
N ARG A 7 -9.05 7.39 10.31
CA ARG A 7 -9.33 6.60 9.09
C ARG A 7 -9.60 5.13 9.40
N LYS A 8 -10.68 4.63 8.80
CA LYS A 8 -11.04 3.22 8.87
CA LYS A 8 -11.06 3.22 8.87
C LYS A 8 -10.97 2.54 7.51
N ILE A 9 -11.08 3.33 6.44
CA ILE A 9 -11.13 2.83 5.09
C ILE A 9 -9.83 3.11 4.36
N PHE A 10 -9.15 2.05 3.91
CA PHE A 10 -7.84 2.11 3.28
C PHE A 10 -7.88 1.49 1.89
N ASN A 11 -8.63 0.40 1.72
CA ASN A 11 -8.69 -0.26 0.43
C ASN A 11 -10.09 -0.15 -0.14
N ARG A 12 -10.16 -0.33 -1.44
CA ARG A 12 -11.44 -0.46 -2.13
C ARG A 12 -11.55 -1.79 -2.93
N LEU A 13 -11.05 -2.86 -2.32
CA LEU A 13 -11.11 -4.18 -2.92
C LEU A 13 -12.53 -4.62 -3.21
N LYS A 14 -13.44 -4.40 -2.28
CA LYS A 14 -14.83 -4.81 -2.46
C LYS A 14 -15.37 -4.19 -3.76
N SER A 15 -15.12 -2.89 -3.94
CA SER A 15 -15.57 -2.19 -5.15
C SER A 15 -14.97 -2.75 -6.41
N VAL A 16 -13.65 -3.03 -6.39
CA VAL A 16 -12.97 -3.53 -7.60
C VAL A 16 -13.49 -4.92 -7.93
N LEU A 17 -13.67 -5.76 -6.92
CA LEU A 17 -14.23 -7.09 -7.18
C LEU A 17 -15.63 -6.93 -7.83
N ALA A 18 -16.45 -6.01 -7.35
CA ALA A 18 -17.75 -5.77 -7.96
C ALA A 18 -17.64 -5.25 -9.41
N GLU A 19 -16.70 -4.35 -9.68
CA GLU A 19 -16.49 -3.84 -11.01
C GLU A 19 -16.16 -4.95 -11.96
N LYS A 20 -15.29 -5.85 -11.49
CA LYS A 20 -14.79 -6.93 -12.32
C LYS A 20 -15.72 -8.15 -12.38
N GLY A 21 -16.79 -8.15 -11.58
CA GLY A 21 -17.70 -9.28 -11.53
C GLY A 21 -17.12 -10.53 -10.82
N LYS A 22 -16.21 -10.32 -9.88
CA LYS A 22 -15.59 -11.41 -9.13
C LYS A 22 -16.07 -11.42 -7.69
N THR A 23 -16.11 -12.60 -7.10
CA THR A 23 -16.60 -12.76 -5.73
C THR A 23 -15.40 -12.91 -4.80
N ASN A 24 -15.67 -12.83 -3.51
CA ASN A 24 -14.66 -13.11 -2.50
C ASN A 24 -14.14 -14.54 -2.65
N LEU A 25 -15.03 -15.47 -2.90
CA LEU A 25 -14.63 -16.89 -3.15
C LEU A 25 -13.66 -17.00 -4.31
N TRP A 26 -13.97 -16.33 -5.41
CA TRP A 26 -13.04 -16.36 -6.55
C TRP A 26 -11.64 -15.89 -6.15
N LEU A 27 -11.56 -14.80 -5.42
CA LEU A 27 -10.24 -14.24 -5.07
C LEU A 27 -9.53 -15.16 -4.10
N THR A 28 -10.30 -15.72 -3.19
CA THR A 28 -9.78 -16.61 -2.18
C THR A 28 -9.15 -17.86 -2.83
N GLU A 29 -9.87 -18.47 -3.76
CA GLU A 29 -9.35 -19.63 -4.48
C GLU A 29 -8.18 -19.24 -5.38
N THR A 30 -8.32 -18.15 -6.13
CA THR A 30 -7.32 -17.76 -7.11
C THR A 30 -5.96 -17.52 -6.45
N LEU A 31 -5.98 -16.86 -5.30
CA LEU A 31 -4.75 -16.54 -4.58
C LEU A 31 -4.33 -17.61 -3.58
N ASP A 32 -5.05 -18.75 -3.49
CA ASP A 32 -4.71 -19.85 -2.58
C ASP A 32 -4.65 -19.32 -1.15
N LYS A 33 -5.66 -18.53 -0.76
CA LYS A 33 -5.73 -17.90 0.55
C LYS A 33 -6.82 -18.56 1.41
N ASN A 34 -6.87 -18.17 2.66
CA ASN A 34 -7.94 -18.58 3.57
C ASN A 34 -9.12 -17.62 3.43
N LYS A 35 -10.32 -18.12 3.65
CA LYS A 35 -11.52 -17.33 3.40
C LYS A 35 -11.64 -16.15 4.33
N THR A 36 -11.24 -16.31 5.59
CA THR A 36 -11.43 -15.19 6.51
C THR A 36 -10.47 -14.03 6.22
N THR A 37 -9.28 -14.38 5.78
CA THR A 37 -8.27 -13.39 5.40
C THR A 37 -8.84 -12.45 4.31
N VAL A 38 -9.40 -13.05 3.28
CA VAL A 38 -9.97 -12.27 2.17
C VAL A 38 -11.18 -11.47 2.62
N SER A 39 -12.02 -12.07 3.44
CA SER A 39 -13.18 -11.37 3.95
CA SER A 39 -13.18 -11.38 3.98
C SER A 39 -12.81 -10.09 4.70
N LYS A 40 -11.78 -10.18 5.54
CA LYS A 40 -11.39 -9.07 6.38
CA LYS A 40 -11.38 -9.07 6.38
C LYS A 40 -10.70 -7.98 5.54
N TRP A 41 -10.07 -8.37 4.43
CA TRP A 41 -9.59 -7.33 3.53
C TRP A 41 -10.82 -6.51 3.03
N CYS A 42 -11.83 -7.21 2.56
CA CYS A 42 -12.95 -6.55 1.91
C CYS A 42 -13.73 -5.64 2.86
N THR A 43 -13.78 -6.00 4.13
CA THR A 43 -14.43 -5.15 5.12
C THR A 43 -13.51 -4.09 5.75
N ASN A 44 -12.27 -3.99 5.27
CA ASN A 44 -11.29 -3.07 5.79
C ASN A 44 -10.98 -3.30 7.26
N ASP A 45 -11.15 -4.56 7.68
CA ASP A 45 -10.72 -4.96 9.03
C ASP A 45 -9.26 -5.29 9.14
N VAL A 46 -8.69 -5.92 8.11
CA VAL A 46 -7.28 -6.24 8.06
C VAL A 46 -6.84 -5.84 6.66
N GLN A 47 -5.70 -5.18 6.56
CA GLN A 47 -5.19 -4.77 5.27
C GLN A 47 -4.20 -5.79 4.73
N PRO A 48 -4.28 -6.04 3.43
CA PRO A 48 -3.22 -6.86 2.81
C PRO A 48 -1.89 -6.12 2.82
N SER A 49 -0.78 -6.86 2.78
CA SER A 49 0.51 -6.26 2.53
C SER A 49 0.57 -5.64 1.13
N LEU A 50 1.55 -4.77 0.94
CA LEU A 50 1.69 -4.17 -0.37
CA LEU A 50 1.76 -4.15 -0.36
C LEU A 50 2.01 -5.25 -1.40
N GLU A 51 2.86 -6.21 -1.06
CA GLU A 51 3.15 -7.30 -2.02
C GLU A 51 1.88 -8.08 -2.38
N THR A 52 1.02 -8.33 -1.39
CA THR A 52 -0.24 -9.02 -1.66
C THR A 52 -1.14 -8.19 -2.57
N LEU A 53 -1.15 -6.88 -2.36
CA LEU A 53 -1.96 -6.01 -3.20
C LEU A 53 -1.54 -6.16 -4.68
N PHE A 54 -0.26 -6.28 -4.94
CA PHE A 54 0.20 -6.45 -6.33
C PHE A 54 -0.32 -7.79 -6.89
N ASP A 55 -0.32 -8.84 -6.08
CA ASP A 55 -0.86 -10.17 -6.47
C ASP A 55 -2.37 -10.08 -6.78
N ILE A 56 -3.12 -9.36 -5.94
CA ILE A 56 -4.55 -9.12 -6.15
C ILE A 56 -4.76 -8.38 -7.47
N ALA A 57 -3.97 -7.33 -7.71
CA ALA A 57 -4.11 -6.47 -8.88
C ALA A 57 -3.83 -7.29 -10.14
N GLU A 58 -2.82 -8.16 -10.07
CA GLU A 58 -2.49 -9.01 -11.19
C GLU A 58 -3.65 -10.00 -11.51
N ALA A 59 -4.22 -10.60 -10.46
CA ALA A 59 -5.34 -11.53 -10.59
C ALA A 59 -6.55 -10.88 -11.22
N LEU A 60 -6.82 -9.65 -10.79
CA LEU A 60 -7.97 -8.87 -11.29
C LEU A 60 -7.72 -8.13 -12.58
N ASN A 61 -6.47 -8.05 -13.00
CA ASN A 61 -6.08 -7.28 -14.19
C ASN A 61 -6.42 -5.78 -14.10
N VAL A 62 -6.04 -5.20 -12.98
CA VAL A 62 -6.22 -3.78 -12.72
C VAL A 62 -4.90 -3.23 -12.23
N ASP A 63 -4.74 -1.92 -12.38
CA ASP A 63 -3.61 -1.22 -11.79
C ASP A 63 -3.77 -1.35 -10.28
N VAL A 64 -2.71 -1.79 -9.62
CA VAL A 64 -2.67 -1.94 -8.18
C VAL A 64 -3.15 -0.66 -7.47
N ARG A 65 -2.89 0.50 -8.07
CA ARG A 65 -3.28 1.77 -7.45
C ARG A 65 -4.80 1.86 -7.23
N GLU A 66 -5.58 1.19 -8.10
CA GLU A 66 -7.03 1.24 -7.99
C GLU A 66 -7.57 0.47 -6.77
N LEU A 67 -6.74 -0.39 -6.16
CA LEU A 67 -7.19 -1.16 -4.99
C LEU A 67 -7.17 -0.33 -3.72
N ILE A 68 -6.52 0.84 -3.76
CA ILE A 68 -6.31 1.72 -2.61
CA ILE A 68 -6.45 1.64 -2.56
C ILE A 68 -7.22 2.94 -2.80
N VAL A 69 -7.83 3.45 -1.73
CA VAL A 69 -8.62 4.67 -1.88
C VAL A 69 -7.66 5.86 -2.10
N SER A 70 -8.07 6.77 -2.97
CA SER A 70 -7.35 8.01 -3.19
C SER A 70 -7.36 8.94 -1.98
N THR A 71 -6.26 9.66 -1.78
CA THR A 71 -6.23 10.71 -0.78
C THR A 71 -5.97 12.09 -1.41
N LYS A 72 -5.96 12.17 -2.72
CA LYS A 72 -5.85 13.45 -3.42
C LYS A 72 -6.77 14.47 -2.87
N GLU B 6 8.91 -11.81 -10.52
CA GLU B 6 10.19 -11.44 -9.85
C GLU B 6 10.22 -9.93 -9.56
N ARG B 7 9.09 -9.35 -9.18
CA ARG B 7 9.05 -7.91 -8.89
C ARG B 7 9.82 -7.64 -7.61
N LYS B 8 10.63 -6.61 -7.63
CA LYS B 8 11.40 -6.20 -6.50
C LYS B 8 11.00 -4.80 -6.04
N ILE B 9 10.49 -3.99 -6.94
CA ILE B 9 10.25 -2.58 -6.66
CA ILE B 9 10.24 -2.59 -6.63
C ILE B 9 8.73 -2.40 -6.58
N PHE B 10 8.24 -2.07 -5.40
CA PHE B 10 6.83 -1.90 -5.16
C PHE B 10 6.42 -0.48 -4.81
N ASN B 11 7.33 0.29 -4.19
CA ASN B 11 7.05 1.68 -3.82
C ASN B 11 7.94 2.69 -4.53
N ARG B 12 7.47 3.93 -4.55
CA ARG B 12 8.13 5.08 -5.13
C ARG B 12 8.52 6.11 -4.06
N LEU B 13 8.72 5.66 -2.82
CA LEU B 13 8.96 6.60 -1.71
C LEU B 13 10.15 7.51 -1.94
N LYS B 14 11.25 6.93 -2.37
CA LYS B 14 12.45 7.73 -2.62
C LYS B 14 12.17 8.79 -3.68
N SER B 15 11.49 8.40 -4.76
CA SER B 15 11.16 9.34 -5.84
C SER B 15 10.25 10.46 -5.35
N VAL B 16 9.26 10.10 -4.54
CA VAL B 16 8.32 11.11 -4.05
C VAL B 16 8.97 12.07 -3.02
N LEU B 17 9.82 11.55 -2.15
CA LEU B 17 10.58 12.40 -1.27
C LEU B 17 11.36 13.42 -2.10
N ALA B 18 12.00 12.97 -3.18
CA ALA B 18 12.80 13.89 -4.03
C ALA B 18 11.87 14.96 -4.70
N GLU B 19 10.72 14.50 -5.18
CA GLU B 19 9.75 15.41 -5.78
C GLU B 19 9.35 16.49 -4.82
N LYS B 20 9.11 16.12 -3.56
CA LYS B 20 8.64 17.04 -2.54
C LYS B 20 9.75 17.80 -1.80
N GLY B 21 11.00 17.60 -2.21
CA GLY B 21 12.15 18.24 -1.55
C GLY B 21 12.36 17.90 -0.08
N LYS B 22 12.04 16.65 0.29
CA LYS B 22 12.16 16.17 1.65
C LYS B 22 13.21 15.09 1.74
N THR B 23 13.81 14.96 2.89
CA THR B 23 14.83 13.95 3.12
C THR B 23 14.27 12.77 3.93
N ASN B 24 15.04 11.69 3.96
CA ASN B 24 14.75 10.56 4.87
C ASN B 24 14.65 11.02 6.33
N LEU B 25 15.58 11.86 6.73
CA LEU B 25 15.61 12.37 8.08
C LEU B 25 14.32 13.10 8.42
N TRP B 26 13.83 13.93 7.49
CA TRP B 26 12.56 14.64 7.66
C TRP B 26 11.44 13.62 7.94
N LEU B 27 11.42 12.54 7.15
CA LEU B 27 10.34 11.53 7.31
C LEU B 27 10.45 10.78 8.65
N THR B 28 11.67 10.44 9.04
CA THR B 28 11.91 9.76 10.31
CA THR B 28 11.93 9.77 10.31
C THR B 28 11.42 10.59 11.49
N GLU B 29 11.70 11.89 11.46
CA GLU B 29 11.31 12.81 12.54
CA GLU B 29 11.32 12.80 12.54
C GLU B 29 9.80 13.03 12.52
N THR B 30 9.26 13.29 11.33
CA THR B 30 7.86 13.52 11.18
C THR B 30 7.00 12.34 11.65
N LEU B 31 7.41 11.13 11.31
CA LEU B 31 6.64 9.93 11.63
C LEU B 31 7.08 9.20 12.93
N ASP B 32 8.14 9.70 13.57
CA ASP B 32 8.77 8.99 14.71
C ASP B 32 9.11 7.56 14.40
N LYS B 33 9.87 7.35 13.33
CA LYS B 33 10.41 6.05 12.96
C LYS B 33 11.92 6.06 13.00
N ASN B 34 12.52 4.88 12.95
CA ASN B 34 13.94 4.77 12.91
C ASN B 34 14.47 4.99 11.53
N LYS B 35 15.65 5.59 11.46
CA LYS B 35 16.38 5.75 10.21
CA LYS B 35 16.34 5.77 10.19
C LYS B 35 16.46 4.52 9.35
N THR B 36 16.87 3.39 9.94
CA THR B 36 17.08 2.20 9.11
CA THR B 36 17.08 2.19 9.14
C THR B 36 15.76 1.70 8.55
N THR B 37 14.67 1.88 9.29
CA THR B 37 13.34 1.47 8.81
C THR B 37 12.96 2.26 7.56
N VAL B 38 13.09 3.57 7.64
CA VAL B 38 12.79 4.44 6.52
C VAL B 38 13.73 4.15 5.32
N SER B 39 15.00 3.90 5.61
CA SER B 39 15.95 3.57 4.56
CA SER B 39 15.95 3.56 4.55
C SER B 39 15.54 2.33 3.79
N LYS B 40 15.14 1.29 4.53
CA LYS B 40 14.70 0.04 3.93
CA LYS B 40 14.72 0.05 3.91
C LYS B 40 13.45 0.21 3.07
N TRP B 41 12.53 1.10 3.48
CA TRP B 41 11.40 1.44 2.59
C TRP B 41 11.90 2.10 1.31
N CYS B 42 12.80 3.08 1.47
CA CYS B 42 13.28 3.82 0.30
C CYS B 42 14.00 2.99 -0.73
N THR B 43 14.77 2.00 -0.25
CA THR B 43 15.50 1.09 -1.12
C THR B 43 14.68 -0.12 -1.57
N ASN B 44 13.40 -0.17 -1.18
CA ASN B 44 12.50 -1.26 -1.53
C ASN B 44 12.96 -2.63 -0.99
N ASP B 45 13.68 -2.59 0.12
CA ASP B 45 14.10 -3.81 0.80
C ASP B 45 13.00 -4.33 1.70
N VAL B 46 12.25 -3.42 2.28
CA VAL B 46 11.11 -3.77 3.11
C VAL B 46 10.00 -2.82 2.76
N GLN B 47 8.78 -3.32 2.70
CA GLN B 47 7.64 -2.47 2.40
C GLN B 47 6.94 -2.02 3.66
N PRO B 48 6.50 -0.76 3.66
CA PRO B 48 5.63 -0.32 4.74
C PRO B 48 4.26 -1.00 4.63
N SER B 49 3.56 -1.07 5.74
CA SER B 49 2.19 -1.47 5.75
C SER B 49 1.38 -0.49 4.99
N LEU B 50 0.19 -0.90 4.59
CA LEU B 50 -0.70 0.05 3.88
C LEU B 50 -1.07 1.19 4.81
N GLU B 51 -1.36 0.89 6.09
CA GLU B 51 -1.67 1.98 7.00
C GLU B 51 -0.51 2.98 7.10
N THR B 52 0.72 2.50 7.18
CA THR B 52 1.86 3.40 7.24
C THR B 52 2.06 4.16 5.94
N LEU B 53 1.77 3.51 4.82
CA LEU B 53 1.78 4.23 3.55
CA LEU B 53 1.80 4.22 3.56
C LEU B 53 0.86 5.46 3.59
N PHE B 54 -0.35 5.29 4.18
CA PHE B 54 -1.26 6.39 4.35
C PHE B 54 -0.69 7.48 5.24
N ASP B 55 0.03 7.10 6.30
CA ASP B 55 0.69 8.10 7.19
C ASP B 55 1.76 8.88 6.42
N ILE B 56 2.52 8.16 5.62
CA ILE B 56 3.58 8.78 4.81
C ILE B 56 2.96 9.76 3.80
N ALA B 57 1.89 9.34 3.12
CA ALA B 57 1.20 10.20 2.16
C ALA B 57 0.68 11.46 2.81
N GLU B 58 0.11 11.34 4.00
CA GLU B 58 -0.42 12.49 4.70
C GLU B 58 0.72 13.45 5.06
N ALA B 59 1.84 12.91 5.53
CA ALA B 59 2.98 13.73 5.92
C ALA B 59 3.50 14.53 4.72
N LEU B 60 3.56 13.87 3.57
CA LEU B 60 4.08 14.42 2.31
C LEU B 60 3.07 15.24 1.52
N ASN B 61 1.83 15.22 1.93
CA ASN B 61 0.71 15.82 1.20
C ASN B 61 0.64 15.41 -0.28
N VAL B 62 0.63 14.09 -0.48
CA VAL B 62 0.58 13.45 -1.79
C VAL B 62 -0.56 12.40 -1.71
N ASP B 63 -1.16 12.13 -2.84
CA ASP B 63 -2.08 11.03 -2.99
C ASP B 63 -1.32 9.76 -2.68
N VAL B 64 -1.84 8.96 -1.76
CA VAL B 64 -1.18 7.71 -1.38
C VAL B 64 -0.87 6.81 -2.61
N ARG B 65 -1.76 6.82 -3.61
CA ARG B 65 -1.55 6.03 -4.76
C ARG B 65 -0.20 6.31 -5.43
N GLU B 66 0.30 7.55 -5.31
CA GLU B 66 1.58 7.92 -5.95
C GLU B 66 2.76 7.23 -5.30
N LEU B 67 2.55 6.71 -4.09
CA LEU B 67 3.61 6.03 -3.38
C LEU B 67 3.85 4.63 -3.85
N ILE B 68 2.95 4.12 -4.65
CA ILE B 68 2.99 2.77 -5.15
CA ILE B 68 3.09 2.76 -5.15
C ILE B 68 3.33 2.79 -6.65
N VAL B 69 4.14 1.85 -7.10
CA VAL B 69 4.41 1.68 -8.52
C VAL B 69 3.11 1.28 -9.24
N SER B 70 2.83 1.97 -10.34
CA SER B 70 1.67 1.72 -11.14
C SER B 70 1.90 0.45 -11.94
N THR B 71 0.87 -0.37 -12.08
CA THR B 71 1.01 -1.61 -12.85
C THR B 71 0.17 -1.46 -14.11
N LYS B 72 -0.38 -0.29 -14.39
CA LYS B 72 -0.79 -0.04 -15.81
C LYS B 72 -0.44 1.38 -16.27
#